data_5PO8
#
_entry.id   5PO8
#
_cell.length_a   55.267
_cell.length_b   56.244
_cell.length_c   101.219
_cell.angle_alpha   90.00
_cell.angle_beta   90.00
_cell.angle_gamma   90.00
#
_symmetry.space_group_name_H-M   'P 21 21 21'
#
loop_
_entity.id
_entity.type
_entity.pdbx_description
1 polymer 'Bromodomain-containing protein 1'
2 non-polymer 6-amino-1-methyl-3,4-dihydroquinolin-2(1H)-one
3 non-polymer 'SODIUM ION'
4 non-polymer 1,2-ETHANEDIOL
5 water water
#
_entity_poly.entity_id   1
_entity_poly.type   'polypeptide(L)'
_entity_poly.pdbx_seq_one_letter_code
;MHHHHHHSSGVDLGTENLYFQSMEQVAMELRLTELTRLLRSVLDQLQDKDPARIFAQPVSLKEVPDYLDHIKHPMDFATM
RKRLEAQGYKNLHEFEEDFDLIIDNCMKYNARDTVFYRAAVRLRDQGGVVLRQARREVDSIGLEEASGMHLPERPA
;
_entity_poly.pdbx_strand_id   A,B
#
# COMPACT_ATOMS: atom_id res chain seq x y z
N SER A 22 -2.53 10.84 -35.56
CA SER A 22 -2.90 9.53 -36.10
C SER A 22 -4.28 9.12 -35.62
N MET A 23 -4.91 8.22 -36.36
CA MET A 23 -6.25 7.76 -35.99
CA MET A 23 -6.23 7.73 -36.00
C MET A 23 -6.21 6.85 -34.76
N GLU A 24 -5.14 6.06 -34.61
CA GLU A 24 -5.00 5.19 -33.46
C GLU A 24 -4.92 6.00 -32.16
N GLN A 25 -4.21 7.12 -32.21
CA GLN A 25 -4.09 7.97 -31.03
C GLN A 25 -5.46 8.51 -30.61
N VAL A 26 -6.25 8.94 -31.59
CA VAL A 26 -7.62 9.40 -31.31
C VAL A 26 -8.49 8.30 -30.71
N ALA A 27 -8.33 7.08 -31.21
CA ALA A 27 -9.09 5.94 -30.72
C ALA A 27 -8.74 5.64 -29.27
N MET A 28 -7.44 5.73 -28.95
CA MET A 28 -6.95 5.53 -27.59
C MET A 28 -7.50 6.61 -26.67
N GLU A 29 -7.50 7.85 -27.15
CA GLU A 29 -8.00 8.95 -26.36
C GLU A 29 -9.51 8.84 -26.14
N LEU A 30 -10.22 8.26 -27.10
CA LEU A 30 -11.64 7.96 -26.92
C LEU A 30 -11.82 6.93 -25.81
N ARG A 31 -10.98 5.90 -25.81
CA ARG A 31 -11.05 4.87 -24.77
C ARG A 31 -10.81 5.48 -23.39
N LEU A 32 -9.78 6.33 -23.29
CA LEU A 32 -9.47 7.01 -22.03
C LEU A 32 -10.62 7.92 -21.60
N THR A 33 -11.23 8.58 -22.58
CA THR A 33 -12.37 9.45 -22.30
C THR A 33 -13.54 8.63 -21.78
N GLU A 34 -13.76 7.47 -22.37
CA GLU A 34 -14.84 6.59 -21.93
C GLU A 34 -14.54 6.03 -20.54
N LEU A 35 -13.29 5.67 -20.31
CA LEU A 35 -12.88 5.22 -18.98
C LEU A 35 -13.16 6.32 -17.96
N THR A 36 -12.80 7.55 -18.30
CA THR A 36 -13.02 8.70 -17.43
C THR A 36 -14.51 8.90 -17.12
N ARG A 37 -15.36 8.70 -18.12
CA ARG A 37 -16.80 8.78 -17.92
C ARG A 37 -17.27 7.73 -16.91
N LEU A 38 -16.81 6.51 -17.06
CA LEU A 38 -17.20 5.42 -16.16
C LEU A 38 -16.69 5.69 -14.74
N LEU A 39 -15.45 6.14 -14.62
CA LEU A 39 -14.85 6.43 -13.31
C LEU A 39 -15.53 7.61 -12.63
N ARG A 40 -16.02 8.57 -13.41
CA ARG A 40 -16.75 9.69 -12.83
C ARG A 40 -18.03 9.19 -12.17
N SER A 41 -18.70 8.23 -12.81
CA SER A 41 -19.88 7.61 -12.23
C SER A 41 -19.51 6.84 -10.96
N VAL A 42 -18.45 6.06 -11.04
CA VAL A 42 -17.95 5.30 -9.88
C VAL A 42 -17.61 6.25 -8.72
N LEU A 43 -16.92 7.35 -9.02
CA LEU A 43 -16.53 8.30 -7.97
C LEU A 43 -17.76 8.86 -7.26
N ASP A 44 -18.78 9.23 -8.03
CA ASP A 44 -20.01 9.75 -7.46
C ASP A 44 -20.69 8.72 -6.55
N GLN A 45 -20.72 7.47 -6.98
CA GLN A 45 -21.29 6.42 -6.16
C GLN A 45 -20.49 6.16 -4.87
N LEU A 46 -19.17 6.19 -4.96
CA LEU A 46 -18.35 5.99 -3.77
C LEU A 46 -18.52 7.13 -2.78
N GLN A 47 -18.54 8.35 -3.29
CA GLN A 47 -18.65 9.51 -2.42
C GLN A 47 -20.00 9.54 -1.71
N ASP A 48 -21.02 8.93 -2.30
CA ASP A 48 -22.32 8.83 -1.64
C ASP A 48 -22.28 7.96 -0.38
N LYS A 49 -21.25 7.14 -0.26
CA LYS A 49 -21.10 6.25 0.89
C LYS A 49 -20.32 6.94 1.99
N ASP A 50 -20.07 8.23 1.79
CA ASP A 50 -19.48 9.13 2.79
C ASP A 50 -20.46 10.28 3.04
N PRO A 51 -21.62 9.97 3.63
CA PRO A 51 -22.58 11.06 3.80
C PRO A 51 -22.11 12.16 4.75
N ALA A 52 -21.17 11.84 5.64
CA ALA A 52 -20.63 12.84 6.56
C ALA A 52 -19.68 13.85 5.91
N ARG A 53 -19.26 13.57 4.67
CA ARG A 53 -18.25 14.37 3.94
C ARG A 53 -16.90 14.45 4.67
N ILE A 54 -16.60 13.40 5.42
CA ILE A 54 -15.33 13.31 6.11
C ILE A 54 -14.15 13.23 5.14
N PHE A 55 -14.39 12.65 3.97
CA PHE A 55 -13.31 12.42 2.99
C PHE A 55 -13.39 13.32 1.78
N ALA A 56 -14.21 14.36 1.87
CA ALA A 56 -14.49 15.21 0.72
C ALA A 56 -13.32 16.09 0.31
N GLN A 57 -12.53 16.53 1.29
CA GLN A 57 -11.45 17.49 1.05
C GLN A 57 -10.13 17.02 1.67
N PRO A 58 -9.00 17.58 1.23
CA PRO A 58 -7.75 17.22 1.91
C PRO A 58 -7.80 17.55 3.40
N VAL A 59 -7.18 16.71 4.22
CA VAL A 59 -7.01 17.05 5.63
C VAL A 59 -6.23 18.35 5.72
N SER A 60 -6.76 19.31 6.47
CA SER A 60 -6.13 20.64 6.59
C SER A 60 -4.82 20.58 7.36
N LEU A 61 -3.73 20.96 6.70
CA LEU A 61 -2.43 20.92 7.35
C LEU A 61 -2.28 22.12 8.29
N LYS A 62 -3.14 23.12 8.12
CA LYS A 62 -3.17 24.23 9.05
C LYS A 62 -3.81 23.79 10.35
N GLU A 63 -4.91 23.04 10.24
CA GLU A 63 -5.65 22.60 11.41
C GLU A 63 -5.08 21.32 12.03
N VAL A 64 -4.41 20.51 11.20
CA VAL A 64 -3.76 19.29 11.66
C VAL A 64 -2.28 19.31 11.25
N PRO A 65 -1.47 20.11 11.96
CA PRO A 65 -0.13 20.39 11.46
C PRO A 65 0.84 19.20 11.47
N ASP A 66 0.54 18.14 12.22
CA ASP A 66 1.43 16.98 12.27
C ASP A 66 1.05 15.88 11.29
N TYR A 67 0.05 16.14 10.45
CA TYR A 67 -0.53 15.07 9.64
C TYR A 67 0.48 14.38 8.74
N LEU A 68 1.37 15.16 8.12
CA LEU A 68 2.34 14.59 7.17
C LEU A 68 3.46 13.82 7.87
N ASP A 69 3.61 13.98 9.18
CA ASP A 69 4.54 13.14 9.93
C ASP A 69 4.01 11.71 10.01
N HIS A 70 2.68 11.59 9.91
CA HIS A 70 2.01 10.29 10.02
C HIS A 70 1.71 9.68 8.67
N ILE A 71 1.17 10.50 7.79
CA ILE A 71 0.64 10.04 6.51
C ILE A 71 1.49 10.58 5.36
N LYS A 72 2.14 9.68 4.64
CA LYS A 72 3.08 10.09 3.61
C LYS A 72 2.43 10.41 2.27
N HIS A 73 1.26 9.82 2.01
CA HIS A 73 0.54 10.11 0.78
C HIS A 73 -0.93 10.42 1.03
N PRO A 74 -1.21 11.66 1.40
CA PRO A 74 -2.61 12.08 1.63
C PRO A 74 -3.48 11.91 0.40
N MET A 75 -4.77 11.64 0.61
CA MET A 75 -5.71 11.56 -0.50
C MET A 75 -7.11 11.91 -0.01
N ASP A 76 -7.94 12.39 -0.94
CA ASP A 76 -9.33 12.75 -0.63
C ASP A 76 -10.12 12.78 -1.93
N PHE A 77 -11.44 12.90 -1.84
CA PHE A 77 -12.27 12.85 -3.03
C PHE A 77 -12.07 14.05 -3.98
N ALA A 78 -11.84 15.24 -3.42
CA ALA A 78 -11.65 16.41 -4.28
C ALA A 78 -10.38 16.27 -5.11
N THR A 79 -9.33 15.75 -4.48
CA THR A 79 -8.07 15.51 -5.15
C THR A 79 -8.21 14.44 -6.23
N MET A 80 -9.00 13.38 -5.95
CA MET A 80 -9.26 12.36 -6.96
C MET A 80 -10.00 12.95 -8.15
N ARG A 81 -10.97 13.81 -7.85
CA ARG A 81 -11.80 14.39 -8.91
C ARG A 81 -10.96 15.26 -9.82
N LYS A 82 -9.99 16.00 -9.25
CA LYS A 82 -9.10 16.82 -10.07
C LYS A 82 -8.30 15.95 -11.05
N ARG A 83 -7.74 14.86 -10.54
CA ARG A 83 -6.96 13.95 -11.38
C ARG A 83 -7.84 13.31 -12.45
N LEU A 84 -9.05 12.92 -12.05
CA LEU A 84 -10.01 12.32 -12.96
C LEU A 84 -10.35 13.25 -14.12
N GLU A 85 -10.62 14.52 -13.82
CA GLU A 85 -11.06 15.44 -14.87
C GLU A 85 -9.92 15.82 -15.81
N ALA A 86 -8.69 15.64 -15.36
CA ALA A 86 -7.52 15.81 -16.22
C ALA A 86 -7.21 14.51 -16.97
N GLN A 87 -8.14 13.55 -16.88
CA GLN A 87 -7.96 12.20 -17.45
C GLN A 87 -6.65 11.55 -16.97
N GLY A 88 -6.38 11.67 -15.68
CA GLY A 88 -5.13 11.22 -15.10
C GLY A 88 -5.15 9.78 -14.58
N TYR A 89 -6.30 9.11 -14.68
CA TYR A 89 -6.35 7.68 -14.35
C TYR A 89 -6.36 6.85 -15.63
N LYS A 90 -5.27 6.11 -15.87
CA LYS A 90 -5.13 5.34 -17.12
C LYS A 90 -5.86 4.01 -17.09
N ASN A 91 -6.18 3.52 -15.89
CA ASN A 91 -6.88 2.26 -15.71
C ASN A 91 -7.58 2.27 -14.35
N LEU A 92 -8.40 1.25 -14.09
CA LEU A 92 -9.16 1.21 -12.84
C LEU A 92 -8.25 0.98 -11.64
N HIS A 93 -7.15 0.26 -11.83
CA HIS A 93 -6.23 -0.01 -10.73
C HIS A 93 -5.69 1.29 -10.11
N GLU A 94 -5.33 2.25 -10.95
CA GLU A 94 -4.79 3.52 -10.45
C GLU A 94 -5.84 4.26 -9.63
N PHE A 95 -7.07 4.24 -10.10
CA PHE A 95 -8.21 4.86 -9.41
C PHE A 95 -8.42 4.18 -8.05
N GLU A 96 -8.42 2.85 -8.04
CA GLU A 96 -8.61 2.12 -6.80
CA GLU A 96 -8.61 2.12 -6.80
C GLU A 96 -7.48 2.35 -5.80
N GLU A 97 -6.26 2.53 -6.29
N GLU A 97 -6.26 2.56 -6.28
CA GLU A 97 -5.14 2.83 -5.42
CA GLU A 97 -5.14 2.81 -5.38
C GLU A 97 -5.41 4.10 -4.61
C GLU A 97 -5.29 4.14 -4.65
N ASP A 98 -5.92 5.13 -5.28
CA ASP A 98 -6.19 6.40 -4.62
C ASP A 98 -7.36 6.25 -3.64
N PHE A 99 -8.40 5.52 -4.01
CA PHE A 99 -9.53 5.30 -3.09
C PHE A 99 -9.05 4.55 -1.84
N ASP A 100 -8.24 3.53 -2.05
CA ASP A 100 -7.68 2.78 -0.92
C ASP A 100 -6.82 3.67 -0.01
N LEU A 101 -6.13 4.66 -0.58
CA LEU A 101 -5.37 5.61 0.25
C LEU A 101 -6.26 6.39 1.20
N ILE A 102 -7.41 6.83 0.69
CA ILE A 102 -8.34 7.58 1.54
C ILE A 102 -8.68 6.76 2.79
N ILE A 103 -9.06 5.51 2.54
CA ILE A 103 -9.44 4.57 3.60
CA ILE A 103 -9.46 4.61 3.62
C ILE A 103 -8.28 4.22 4.54
N ASP A 104 -7.18 3.80 3.93
CA ASP A 104 -6.06 3.31 4.71
C ASP A 104 -5.39 4.40 5.53
N ASN A 105 -5.31 5.60 4.98
CA ASN A 105 -4.74 6.73 5.73
C ASN A 105 -5.55 6.99 6.98
N CYS A 106 -6.87 6.98 6.82
CA CYS A 106 -7.78 7.28 7.91
C CYS A 106 -7.71 6.23 9.02
N MET A 107 -7.62 4.97 8.61
CA MET A 107 -7.60 3.88 9.59
C MET A 107 -6.26 3.79 10.34
N LYS A 108 -5.22 4.43 9.81
CA LYS A 108 -3.98 4.50 10.56
CA LYS A 108 -3.94 4.56 10.51
C LYS A 108 -3.95 5.73 11.48
N TYR A 109 -4.33 6.89 10.97
CA TYR A 109 -4.23 8.11 11.77
C TYR A 109 -5.20 8.11 12.94
N ASN A 110 -6.37 7.52 12.76
CA ASN A 110 -7.43 7.58 13.76
C ASN A 110 -7.63 6.24 14.45
N ALA A 111 -7.94 6.28 15.74
CA ALA A 111 -8.15 5.06 16.52
C ALA A 111 -9.48 4.42 16.18
N ARG A 112 -9.60 3.12 16.46
CA ARG A 112 -10.81 2.36 16.15
C ARG A 112 -12.11 2.96 16.66
N ASP A 113 -12.06 3.57 17.84
CA ASP A 113 -13.28 4.06 18.47
C ASP A 113 -13.55 5.53 18.12
N THR A 114 -13.22 5.92 16.90
CA THR A 114 -13.50 7.29 16.45
C THR A 114 -14.47 7.30 15.30
N VAL A 115 -15.16 8.42 15.15
CA VAL A 115 -16.12 8.58 14.06
C VAL A 115 -15.39 8.55 12.71
N PHE A 116 -14.14 9.01 12.69
CA PHE A 116 -13.34 8.96 11.46
C PHE A 116 -13.03 7.53 11.01
N TYR A 117 -12.47 6.73 11.91
CA TYR A 117 -12.13 5.34 11.55
C TYR A 117 -13.37 4.58 11.13
N ARG A 118 -14.47 4.78 11.86
CA ARG A 118 -15.68 4.02 11.57
C ARG A 118 -16.27 4.46 10.21
N ALA A 119 -16.13 5.73 9.87
CA ALA A 119 -16.59 6.20 8.56
C ALA A 119 -15.79 5.54 7.44
N ALA A 120 -14.49 5.36 7.68
CA ALA A 120 -13.64 4.73 6.67
C ALA A 120 -14.01 3.25 6.49
N VAL A 121 -14.31 2.56 7.59
CA VAL A 121 -14.71 1.16 7.49
C VAL A 121 -16.00 1.02 6.67
N ARG A 122 -16.97 1.88 6.96
CA ARG A 122 -18.23 1.85 6.21
C ARG A 122 -18.05 2.18 4.74
N LEU A 123 -17.17 3.15 4.44
CA LEU A 123 -16.87 3.52 3.06
C LEU A 123 -16.20 2.36 2.31
N ARG A 124 -15.26 1.69 2.98
CA ARG A 124 -14.59 0.53 2.41
CA ARG A 124 -14.60 0.55 2.37
C ARG A 124 -15.58 -0.59 2.08
N ASP A 125 -16.42 -0.93 3.05
CA ASP A 125 -17.36 -2.03 2.90
C ASP A 125 -18.39 -1.75 1.81
N GLN A 126 -18.98 -0.57 1.84
CA GLN A 126 -20.02 -0.23 0.87
C GLN A 126 -19.42 0.03 -0.52
N GLY A 127 -18.22 0.60 -0.55
CA GLY A 127 -17.54 0.90 -1.80
C GLY A 127 -17.09 -0.35 -2.53
N GLY A 128 -16.79 -1.40 -1.79
CA GLY A 128 -16.34 -2.65 -2.39
C GLY A 128 -17.35 -3.20 -3.37
N VAL A 129 -18.62 -3.05 -3.03
CA VAL A 129 -19.71 -3.51 -3.88
C VAL A 129 -19.69 -2.79 -5.22
N VAL A 130 -19.51 -1.48 -5.18
CA VAL A 130 -19.45 -0.63 -6.36
C VAL A 130 -18.25 -0.97 -7.25
N LEU A 131 -17.11 -1.13 -6.62
CA LEU A 131 -15.88 -1.43 -7.34
C LEU A 131 -15.88 -2.83 -7.94
N ARG A 132 -16.56 -3.76 -7.29
CA ARG A 132 -16.67 -5.11 -7.84
C ARG A 132 -17.35 -5.08 -9.20
N GLN A 133 -18.45 -4.35 -9.32
CA GLN A 133 -19.16 -4.32 -10.60
C GLN A 133 -18.42 -3.42 -11.60
N ALA A 134 -17.77 -2.37 -11.11
CA ALA A 134 -16.98 -1.49 -11.99
C ALA A 134 -15.87 -2.26 -12.70
N ARG A 135 -15.23 -3.19 -12.00
CA ARG A 135 -14.19 -4.02 -12.59
C ARG A 135 -14.77 -4.86 -13.73
N ARG A 136 -15.94 -5.45 -13.50
CA ARG A 136 -16.61 -6.21 -14.55
C ARG A 136 -16.90 -5.36 -15.77
N GLU A 137 -17.33 -4.12 -15.55
CA GLU A 137 -17.71 -3.22 -16.64
C GLU A 137 -16.51 -2.73 -17.43
N VAL A 138 -15.41 -2.49 -16.73
CA VAL A 138 -14.19 -2.06 -17.40
C VAL A 138 -13.64 -3.19 -18.27
N ASP A 139 -13.65 -4.41 -17.73
CA ASP A 139 -13.26 -5.59 -18.51
C ASP A 139 -14.23 -5.84 -19.66
N SER A 140 -15.53 -5.81 -19.35
CA SER A 140 -16.57 -6.09 -20.34
C SER A 140 -16.50 -5.14 -21.54
N ILE A 141 -16.66 -3.85 -21.29
CA ILE A 141 -16.61 -2.84 -22.34
C ILE A 141 -15.22 -2.77 -22.97
N GLY A 142 -14.21 -3.21 -22.23
CA GLY A 142 -12.84 -3.17 -22.72
C GLY A 142 -12.29 -1.76 -22.75
N LEU A 143 -12.15 -1.16 -21.58
CA LEU A 143 -11.69 0.23 -21.51
C LEU A 143 -10.22 0.34 -21.12
N GLU A 144 -9.49 -0.76 -21.22
CA GLU A 144 -8.04 -0.76 -20.98
C GLU A 144 -7.34 -1.72 -21.92
N SER B 22 22.43 -23.21 -20.94
CA SER B 22 22.54 -22.01 -21.75
C SER B 22 23.03 -20.86 -20.90
N MET B 23 23.60 -19.85 -21.55
CA MET B 23 24.06 -18.68 -20.83
C MET B 23 22.89 -17.89 -20.29
N GLU B 24 21.73 -18.01 -20.93
CA GLU B 24 20.53 -17.36 -20.44
C GLU B 24 20.12 -17.92 -19.08
N GLN B 25 20.28 -19.23 -18.92
CA GLN B 25 20.00 -19.88 -17.63
C GLN B 25 21.03 -19.48 -16.58
N VAL B 26 22.30 -19.42 -17.00
CA VAL B 26 23.34 -18.98 -16.08
C VAL B 26 23.04 -17.58 -15.57
N ALA B 27 22.67 -16.68 -16.47
CA ALA B 27 22.40 -15.30 -16.07
C ALA B 27 21.19 -15.21 -15.13
N MET B 28 20.15 -16.00 -15.39
CA MET B 28 18.99 -15.95 -14.51
CA MET B 28 18.97 -15.99 -14.53
C MET B 28 19.30 -16.48 -13.13
N GLU B 29 20.06 -17.57 -13.05
CA GLU B 29 20.45 -18.09 -11.75
C GLU B 29 21.34 -17.10 -11.01
N LEU B 30 22.23 -16.40 -11.71
CA LEU B 30 23.04 -15.35 -11.07
C LEU B 30 22.15 -14.22 -10.54
N ARG B 31 21.16 -13.79 -11.33
CA ARG B 31 20.30 -12.70 -10.87
C ARG B 31 19.49 -13.13 -9.64
N LEU B 32 19.04 -14.38 -9.65
CA LEU B 32 18.30 -14.94 -8.51
C LEU B 32 19.17 -14.95 -7.25
N THR B 33 20.41 -15.42 -7.38
CA THR B 33 21.23 -15.55 -6.18
CA THR B 33 21.34 -15.55 -6.25
C THR B 33 21.67 -14.17 -5.66
N GLU B 34 21.89 -13.22 -6.56
CA GLU B 34 22.29 -11.88 -6.15
CA GLU B 34 22.30 -11.91 -6.09
C GLU B 34 21.12 -11.12 -5.52
N LEU B 35 19.92 -11.30 -6.06
CA LEU B 35 18.74 -10.70 -5.45
C LEU B 35 18.56 -11.24 -4.03
N THR B 36 18.72 -12.55 -3.86
CA THR B 36 18.55 -13.15 -2.55
C THR B 36 19.62 -12.65 -1.56
N ARG B 37 20.86 -12.50 -2.01
CA ARG B 37 21.91 -11.92 -1.17
CA ARG B 37 21.90 -11.93 -1.17
C ARG B 37 21.50 -10.52 -0.72
N LEU B 38 21.04 -9.71 -1.66
CA LEU B 38 20.63 -8.35 -1.35
C LEU B 38 19.47 -8.31 -0.35
N LEU B 39 18.44 -9.11 -0.59
CA LEU B 39 17.27 -9.08 0.31
C LEU B 39 17.62 -9.64 1.70
N ARG B 40 18.54 -10.61 1.76
CA ARG B 40 18.95 -11.11 3.07
C ARG B 40 19.63 -10.00 3.87
N SER B 41 20.48 -9.23 3.20
CA SER B 41 21.14 -8.09 3.85
C SER B 41 20.12 -7.04 4.29
N VAL B 42 19.17 -6.74 3.41
CA VAL B 42 18.11 -5.77 3.75
C VAL B 42 17.33 -6.25 4.96
N LEU B 43 16.89 -7.50 4.96
CA LEU B 43 16.12 -8.01 6.08
C LEU B 43 16.92 -7.97 7.40
N ASP B 44 18.20 -8.34 7.34
N ASP B 44 18.20 -8.32 7.33
CA ASP B 44 19.04 -8.29 8.53
CA ASP B 44 19.07 -8.28 8.49
C ASP B 44 19.15 -6.86 9.06
C ASP B 44 19.16 -6.86 9.05
N GLN B 45 19.32 -5.90 8.15
CA GLN B 45 19.40 -4.49 8.54
C GLN B 45 18.11 -4.03 9.20
N LEU B 46 16.98 -4.49 8.67
CA LEU B 46 15.69 -4.07 9.22
C LEU B 46 15.48 -4.65 10.62
N GLN B 47 15.73 -5.95 10.78
CA GLN B 47 15.59 -6.57 12.10
C GLN B 47 16.57 -5.99 13.14
N ASP B 48 17.76 -5.59 12.71
CA ASP B 48 18.73 -5.03 13.66
CA ASP B 48 18.75 -5.00 13.62
C ASP B 48 18.21 -3.73 14.27
N LYS B 49 17.25 -3.09 13.61
CA LYS B 49 16.65 -1.86 14.10
C LYS B 49 15.49 -2.12 15.06
N ASP B 50 15.16 -3.39 15.28
CA ASP B 50 14.06 -3.76 16.16
C ASP B 50 14.55 -4.68 17.29
N PRO B 51 15.43 -4.18 18.18
CA PRO B 51 16.00 -5.01 19.23
C PRO B 51 14.96 -5.48 20.24
N ALA B 52 13.83 -4.79 20.34
CA ALA B 52 12.77 -5.24 21.23
C ALA B 52 11.97 -6.40 20.63
N ARG B 53 12.27 -6.74 19.36
CA ARG B 53 11.64 -7.84 18.64
CA ARG B 53 11.63 -7.86 18.66
C ARG B 53 10.12 -7.69 18.55
N ILE B 54 9.66 -6.44 18.46
CA ILE B 54 8.24 -6.15 18.33
C ILE B 54 7.66 -6.76 17.05
N PHE B 55 8.44 -6.76 15.97
CA PHE B 55 7.97 -7.23 14.66
C PHE B 55 8.61 -8.54 14.24
N ALA B 56 9.26 -9.23 15.18
CA ALA B 56 10.06 -10.40 14.87
C ALA B 56 9.24 -11.65 14.57
N GLN B 57 8.06 -11.74 15.18
CA GLN B 57 7.24 -12.95 15.12
C GLN B 57 5.78 -12.60 14.90
N PRO B 58 4.98 -13.56 14.43
CA PRO B 58 3.54 -13.26 14.29
C PRO B 58 2.93 -12.83 15.60
N VAL B 59 1.99 -11.87 15.55
CA VAL B 59 1.26 -11.46 16.74
C VAL B 59 0.55 -12.69 17.32
N SER B 60 0.68 -12.88 18.62
CA SER B 60 0.01 -14.01 19.29
C SER B 60 -1.48 -13.77 19.47
N LEU B 61 -2.30 -14.68 18.94
CA LEU B 61 -3.74 -14.54 19.05
C LEU B 61 -4.18 -14.88 20.47
N LYS B 62 -3.32 -15.61 21.20
CA LYS B 62 -3.57 -15.85 22.62
C LYS B 62 -3.50 -14.54 23.38
N GLU B 63 -2.43 -13.78 23.15
CA GLU B 63 -2.22 -12.50 23.82
C GLU B 63 -3.13 -11.39 23.29
N VAL B 64 -3.43 -11.42 22.00
CA VAL B 64 -4.24 -10.39 21.36
C VAL B 64 -5.41 -11.05 20.62
N PRO B 65 -6.43 -11.50 21.38
CA PRO B 65 -7.48 -12.30 20.74
C PRO B 65 -8.30 -11.57 19.68
N ASP B 66 -8.29 -10.23 19.67
CA ASP B 66 -9.06 -9.50 18.68
C ASP B 66 -8.26 -9.07 17.45
N TYR B 67 -7.02 -9.53 17.33
CA TYR B 67 -6.15 -9.03 16.26
C TYR B 67 -6.73 -9.25 14.85
N LEU B 68 -7.26 -10.45 14.60
CA LEU B 68 -7.78 -10.77 13.27
C LEU B 68 -9.16 -10.18 13.00
N ASP B 69 -9.79 -9.62 14.03
CA ASP B 69 -11.00 -8.84 13.82
C ASP B 69 -10.68 -7.65 12.91
N HIS B 70 -9.44 -7.17 13.02
CA HIS B 70 -9.06 -5.90 12.40
C HIS B 70 -8.01 -6.02 11.32
N ILE B 71 -7.10 -6.98 11.48
CA ILE B 71 -5.99 -7.11 10.55
C ILE B 71 -6.22 -8.33 9.65
N LYS B 72 -6.35 -8.08 8.35
CA LYS B 72 -6.70 -9.13 7.40
C LYS B 72 -5.50 -9.95 6.93
N HIS B 73 -4.33 -9.31 6.85
CA HIS B 73 -3.13 -10.01 6.40
C HIS B 73 -1.94 -9.77 7.34
N PRO B 74 -1.83 -10.56 8.41
CA PRO B 74 -0.70 -10.45 9.34
C PRO B 74 0.64 -10.64 8.64
N MET B 75 1.66 -9.96 9.14
CA MET B 75 3.00 -10.13 8.63
C MET B 75 4.02 -9.81 9.71
N ASP B 76 5.21 -10.41 9.59
CA ASP B 76 6.27 -10.26 10.58
C ASP B 76 7.59 -10.66 9.95
N PHE B 77 8.70 -10.35 10.62
CA PHE B 77 10.01 -10.57 10.01
C PHE B 77 10.34 -12.06 9.82
N ALA B 78 9.87 -12.92 10.73
CA ALA B 78 10.17 -14.35 10.60
C ALA B 78 9.46 -14.94 9.38
N THR B 79 8.22 -14.51 9.17
CA THR B 79 7.46 -14.95 8.02
C THR B 79 8.13 -14.45 6.74
N MET B 80 8.64 -13.22 6.76
CA MET B 80 9.38 -12.72 5.60
C MET B 80 10.66 -13.53 5.36
N ARG B 81 11.38 -13.88 6.42
CA ARG B 81 12.62 -14.66 6.27
C ARG B 81 12.32 -16.03 5.66
N LYS B 82 11.23 -16.63 6.10
CA LYS B 82 10.80 -17.93 5.57
C LYS B 82 10.55 -17.84 4.06
N ARG B 83 9.81 -16.82 3.65
CA ARG B 83 9.51 -16.63 2.24
C ARG B 83 10.79 -16.37 1.45
N LEU B 84 11.66 -15.52 1.99
CA LEU B 84 12.93 -15.22 1.33
C LEU B 84 13.76 -16.48 1.10
N GLU B 85 13.94 -17.28 2.15
CA GLU B 85 14.86 -18.40 2.03
C GLU B 85 14.26 -19.52 1.22
N ALA B 86 12.95 -19.48 1.02
CA ALA B 86 12.25 -20.47 0.20
C ALA B 86 12.12 -20.05 -1.26
N GLN B 87 12.87 -19.02 -1.63
CA GLN B 87 12.87 -18.46 -2.98
C GLN B 87 11.51 -17.87 -3.39
N GLY B 88 10.79 -17.29 -2.43
CA GLY B 88 9.46 -16.77 -2.68
C GLY B 88 9.34 -15.29 -3.02
N TYR B 89 10.46 -14.57 -3.04
CA TYR B 89 10.47 -13.17 -3.51
C TYR B 89 11.11 -13.11 -4.88
N LYS B 90 10.31 -12.77 -5.88
CA LYS B 90 10.78 -12.69 -7.28
C LYS B 90 11.45 -11.35 -7.62
N ASN B 91 11.17 -10.33 -6.82
CA ASN B 91 11.75 -9.01 -7.03
C ASN B 91 11.68 -8.19 -5.74
N LEU B 92 12.31 -7.03 -5.74
CA LEU B 92 12.35 -6.19 -4.55
C LEU B 92 10.97 -5.71 -4.16
N HIS B 93 10.12 -5.40 -5.12
CA HIS B 93 8.79 -4.89 -4.83
C HIS B 93 7.98 -5.87 -3.98
N GLU B 94 8.06 -7.17 -4.28
CA GLU B 94 7.33 -8.15 -3.48
C GLU B 94 7.78 -8.14 -2.01
N PHE B 95 9.07 -7.94 -1.81
CA PHE B 95 9.65 -7.83 -0.48
C PHE B 95 9.15 -6.54 0.21
N GLU B 96 9.21 -5.43 -0.52
CA GLU B 96 8.71 -4.15 -0.03
CA GLU B 96 8.71 -4.15 -0.03
C GLU B 96 7.25 -4.24 0.42
N GLU B 97 6.43 -4.94 -0.37
CA GLU B 97 5.02 -5.08 -0.02
C GLU B 97 4.81 -5.77 1.34
N ASP B 98 5.61 -6.80 1.63
CA ASP B 98 5.49 -7.49 2.92
C ASP B 98 5.98 -6.58 4.07
N PHE B 99 7.06 -5.83 3.85
CA PHE B 99 7.52 -4.87 4.86
C PHE B 99 6.43 -3.84 5.14
N ASP B 100 5.82 -3.32 4.08
CA ASP B 100 4.75 -2.35 4.25
C ASP B 100 3.58 -2.94 5.05
N LEU B 101 3.27 -4.22 4.86
CA LEU B 101 2.24 -4.88 5.68
C LEU B 101 2.55 -4.81 7.16
N ILE B 102 3.81 -5.10 7.50
CA ILE B 102 4.21 -5.06 8.91
C ILE B 102 3.92 -3.68 9.50
N ILE B 103 4.37 -2.65 8.79
CA ILE B 103 4.21 -1.26 9.23
C ILE B 103 2.74 -0.83 9.25
N ASP B 104 2.04 -1.09 8.16
CA ASP B 104 0.66 -0.66 8.03
C ASP B 104 -0.25 -1.35 9.01
N ASN B 105 -0.03 -2.65 9.25
CA ASN B 105 -0.86 -3.38 10.22
C ASN B 105 -0.72 -2.76 11.61
N CYS B 106 0.52 -2.43 11.96
CA CYS B 106 0.81 -1.86 13.28
C CYS B 106 0.20 -0.47 13.44
N MET B 107 0.28 0.35 12.39
CA MET B 107 -0.27 1.70 12.45
C MET B 107 -1.79 1.67 12.44
N LYS B 108 -2.36 0.61 11.85
CA LYS B 108 -3.82 0.45 11.83
CA LYS B 108 -3.81 0.46 11.85
C LYS B 108 -4.34 -0.08 13.17
N TYR B 109 -3.65 -1.07 13.73
CA TYR B 109 -4.14 -1.68 14.96
C TYR B 109 -3.94 -0.79 16.20
N ASN B 110 -2.85 -0.05 16.24
CA ASN B 110 -2.53 0.76 17.42
C ASN B 110 -2.86 2.25 17.25
N ALA B 111 -3.26 2.89 18.33
CA ALA B 111 -3.52 4.32 18.29
C ALA B 111 -2.22 5.11 18.11
N ARG B 112 -2.31 6.29 17.52
CA ARG B 112 -1.08 6.98 17.14
C ARG B 112 -0.24 7.42 18.36
N ASP B 113 -0.88 7.70 19.49
CA ASP B 113 -0.14 8.11 20.68
C ASP B 113 0.18 6.87 21.52
N THR B 114 0.91 5.92 20.93
CA THR B 114 1.32 4.70 21.61
C THR B 114 2.76 4.32 21.23
N VAL B 115 3.40 3.52 22.08
CA VAL B 115 4.79 3.11 21.86
C VAL B 115 4.93 2.23 20.60
N PHE B 116 4.01 1.28 20.41
CA PHE B 116 4.15 0.41 19.23
C PHE B 116 3.85 1.17 17.93
N TYR B 117 2.88 2.08 17.92
CA TYR B 117 2.68 2.90 16.72
C TYR B 117 3.92 3.71 16.39
N ARG B 118 4.52 4.33 17.40
CA ARG B 118 5.72 5.10 17.14
C ARG B 118 6.88 4.21 16.69
N ALA B 119 6.94 2.97 17.18
CA ALA B 119 7.96 2.03 16.69
C ALA B 119 7.79 1.77 15.20
N ALA B 120 6.53 1.62 14.77
CA ALA B 120 6.27 1.39 13.34
C ALA B 120 6.66 2.60 12.48
N VAL B 121 6.36 3.81 12.97
CA VAL B 121 6.75 5.02 12.24
C VAL B 121 8.28 5.13 12.16
N ARG B 122 8.96 4.78 13.25
CA ARG B 122 10.42 4.78 13.29
C ARG B 122 10.99 3.79 12.27
N LEU B 123 10.50 2.54 12.31
CA LEU B 123 10.96 1.53 11.37
C LEU B 123 10.58 1.85 9.91
N ARG B 124 9.43 2.49 9.70
CA ARG B 124 9.05 2.92 8.37
C ARG B 124 10.07 3.91 7.81
N ASP B 125 10.45 4.90 8.62
N ASP B 125 10.49 4.87 8.63
CA ASP B 125 11.43 5.92 8.22
CA ASP B 125 11.38 5.90 8.12
C ASP B 125 12.76 5.27 7.87
C ASP B 125 12.82 5.38 7.93
N GLN B 126 13.27 4.51 8.83
CA GLN B 126 14.58 3.88 8.65
C GLN B 126 14.54 2.88 7.51
N GLY B 127 13.47 2.09 7.45
CA GLY B 127 13.35 1.07 6.42
C GLY B 127 13.20 1.64 5.03
N GLY B 128 12.52 2.78 4.92
CA GLY B 128 12.35 3.44 3.64
C GLY B 128 13.70 3.80 3.04
N VAL B 129 14.62 4.25 3.88
CA VAL B 129 15.95 4.61 3.42
C VAL B 129 16.71 3.35 2.97
N VAL B 130 16.62 2.28 3.76
CA VAL B 130 17.29 1.03 3.39
C VAL B 130 16.73 0.51 2.06
N LEU B 131 15.41 0.57 1.89
CA LEU B 131 14.79 0.07 0.66
C LEU B 131 15.08 0.93 -0.56
N ARG B 132 15.20 2.25 -0.38
CA ARG B 132 15.57 3.08 -1.51
C ARG B 132 17.02 2.81 -1.93
N GLN B 133 17.88 2.49 -0.96
CA GLN B 133 19.26 2.13 -1.27
C GLN B 133 19.29 0.76 -1.95
N ALA B 134 18.39 -0.13 -1.51
CA ALA B 134 18.28 -1.44 -2.15
C ALA B 134 17.86 -1.31 -3.61
N ARG B 135 16.98 -0.36 -3.91
CA ARG B 135 16.54 -0.13 -5.28
C ARG B 135 17.71 0.35 -6.14
N ARG B 136 18.55 1.21 -5.59
CA ARG B 136 19.76 1.65 -6.29
C ARG B 136 20.66 0.46 -6.59
N GLU B 137 20.76 -0.48 -5.65
CA GLU B 137 21.59 -1.65 -5.87
C GLU B 137 20.97 -2.61 -6.91
N VAL B 138 19.65 -2.74 -6.90
CA VAL B 138 18.96 -3.53 -7.92
C VAL B 138 19.33 -3.00 -9.30
N ASP B 139 19.28 -1.69 -9.45
CA ASP B 139 19.62 -1.08 -10.73
C ASP B 139 21.10 -1.23 -11.09
N SER B 140 21.98 -1.03 -10.12
CA SER B 140 23.42 -1.11 -10.36
C SER B 140 23.88 -2.55 -10.66
N ILE B 141 23.30 -3.52 -9.96
CA ILE B 141 23.67 -4.92 -10.15
C ILE B 141 23.00 -5.53 -11.39
N GLY B 142 21.87 -4.97 -11.79
CA GLY B 142 21.13 -5.44 -12.97
C GLY B 142 20.17 -6.57 -12.67
N LEU B 143 19.50 -6.48 -11.52
CA LEU B 143 18.68 -7.60 -11.05
C LEU B 143 17.30 -7.66 -11.68
N GLU B 144 16.92 -6.60 -12.39
CA GLU B 144 15.65 -6.61 -13.12
C GLU B 144 15.87 -6.39 -14.63
#